data_4U46
#
_entry.id   4U46
#
_cell.length_a   74.480
_cell.length_b   79.800
_cell.length_c   43.070
_cell.angle_alpha   90.00
_cell.angle_beta   90.00
_cell.angle_gamma   90.00
#
_symmetry.space_group_name_H-M   'P 21 21 2'
#
loop_
_entity.id
_entity.type
_entity.pdbx_description
1 polymer Avidin
2 non-polymer 'CHLORIDE ION'
3 water water
#
_entity_poly.entity_id   1
_entity_poly.type   'polypeptide(L)'
_entity_poly.pdbx_seq_one_letter_code
;QTVNARKCSLTGKWTNRMNHNMTIGAVNSRGEFTGTYIATVNATSNEIKESPLHGTQNTINKRTQPTFGFTVNWKFSEST
TVFTGQCFIDRNGKEVLKTMWLLRSSVNDIGDDWKATRVGYNIFTRLRTQKEHHHHHH
;
_entity_poly.pdbx_strand_id   A,B
#
loop_
_chem_comp.id
_chem_comp.type
_chem_comp.name
_chem_comp.formula
CL non-polymer 'CHLORIDE ION' 'Cl -1'
#
# COMPACT_ATOMS: atom_id res chain seq x y z
N LYS A 7 -10.18 16.52 16.88
CA LYS A 7 -10.37 15.05 16.91
C LYS A 7 -10.86 14.46 15.58
N CYS A 8 -10.22 13.37 15.12
CA CYS A 8 -10.63 12.65 13.89
C CYS A 8 -11.60 11.55 14.27
N SER A 9 -12.84 11.58 13.78
CA SER A 9 -13.80 10.56 14.12
CA SER A 9 -13.79 10.52 14.12
C SER A 9 -14.16 9.73 12.87
N LEU A 10 -14.46 8.45 13.08
CA LEU A 10 -14.79 7.56 11.98
C LEU A 10 -16.24 7.64 11.50
N THR A 11 -17.13 8.13 12.36
CA THR A 11 -18.54 8.30 12.06
C THR A 11 -18.75 9.20 10.85
N GLY A 12 -19.64 8.77 9.96
CA GLY A 12 -19.95 9.54 8.71
C GLY A 12 -19.75 8.82 7.40
N LYS A 13 -19.70 9.61 6.32
CA LYS A 13 -19.56 9.10 4.99
C LYS A 13 -18.21 9.47 4.41
N TRP A 14 -17.59 8.47 3.78
CA TRP A 14 -16.24 8.53 3.23
C TRP A 14 -16.18 8.11 1.79
N THR A 15 -15.23 8.67 1.06
CA THR A 15 -14.96 8.21 -0.27
C THR A 15 -13.47 8.05 -0.48
N ASN A 16 -13.09 7.12 -1.34
CA ASN A 16 -11.71 6.98 -1.81
C ASN A 16 -11.49 7.71 -3.15
N ARG A 17 -12.49 8.48 -3.54
CA ARG A 17 -12.48 9.34 -4.73
C ARG A 17 -12.39 8.50 -6.01
N MET A 18 -12.72 7.21 -5.86
CA MET A 18 -12.60 6.25 -6.94
C MET A 18 -13.97 5.65 -7.10
N ASN A 19 -14.04 4.35 -6.93
CA ASN A 19 -15.30 3.67 -6.99
C ASN A 19 -15.79 3.17 -5.61
N HIS A 20 -15.30 3.76 -4.50
CA HIS A 20 -15.74 3.28 -3.16
C HIS A 20 -16.21 4.37 -2.27
N ASN A 21 -17.34 4.11 -1.59
CA ASN A 21 -17.83 4.90 -0.49
C ASN A 21 -18.08 4.01 0.73
N MET A 22 -18.01 4.59 1.92
CA MET A 22 -18.50 3.87 3.05
C MET A 22 -19.16 4.82 4.02
N THR A 23 -20.05 4.25 4.79
CA THR A 23 -20.77 4.96 5.76
C THR A 23 -20.58 4.19 7.06
N ILE A 24 -20.10 4.92 8.06
CA ILE A 24 -19.84 4.36 9.36
C ILE A 24 -20.72 5.04 10.35
N GLY A 25 -21.36 4.24 11.20
CA GLY A 25 -22.24 4.75 12.20
C GLY A 25 -21.55 5.28 13.44
N ALA A 26 -22.34 5.41 14.49
CA ALA A 26 -21.79 5.91 15.75
C ALA A 26 -20.78 4.91 16.29
N VAL A 27 -19.74 5.44 16.92
CA VAL A 27 -18.72 4.66 17.59
C VAL A 27 -19.01 4.65 19.08
N ASN A 28 -19.22 3.48 19.68
CA ASN A 28 -19.61 3.42 21.10
C ASN A 28 -18.41 3.60 22.06
N SER A 29 -18.67 3.51 23.35
CA SER A 29 -17.67 3.85 24.39
C SER A 29 -16.56 2.82 24.39
N ARG A 30 -16.78 1.65 23.79
CA ARG A 30 -15.73 0.66 23.67
C ARG A 30 -15.01 0.76 22.31
N GLY A 31 -15.38 1.71 21.48
CA GLY A 31 -14.75 1.87 20.20
C GLY A 31 -15.34 1.06 19.06
N GLU A 32 -16.44 0.37 19.32
CA GLU A 32 -17.07 -0.49 18.34
C GLU A 32 -17.97 0.29 17.39
N PHE A 33 -17.97 -0.14 16.12
CA PHE A 33 -18.83 0.44 15.12
C PHE A 33 -19.20 -0.57 14.01
N THR A 34 -20.24 -0.17 13.30
CA THR A 34 -20.76 -0.87 12.14
CA THR A 34 -20.73 -0.88 12.13
C THR A 34 -20.96 0.15 11.00
N GLY A 35 -21.05 -0.33 9.76
CA GLY A 35 -21.34 0.53 8.66
C GLY A 35 -21.57 -0.27 7.42
N THR A 36 -21.43 0.41 6.29
CA THR A 36 -21.66 -0.19 5.00
C THR A 36 -20.62 0.26 4.02
N TYR A 37 -20.10 -0.71 3.27
CA TYR A 37 -19.13 -0.46 2.23
C TYR A 37 -19.83 -0.58 0.85
N ILE A 38 -19.72 0.47 0.05
CA ILE A 38 -20.40 0.55 -1.23
C ILE A 38 -19.36 0.69 -2.31
N ALA A 39 -19.38 -0.24 -3.26
CA ALA A 39 -18.43 -0.26 -4.37
C ALA A 39 -19.11 -0.54 -5.71
N THR A 40 -18.44 -0.15 -6.80
CA THR A 40 -18.89 -0.51 -8.15
C THR A 40 -18.30 -1.85 -8.49
N VAL A 41 -19.11 -2.73 -9.08
CA VAL A 41 -18.58 -3.97 -9.65
C VAL A 41 -18.40 -3.79 -11.15
N GLU A 47 -22.85 -0.63 -12.09
CA GLU A 47 -23.43 -1.55 -11.12
C GLU A 47 -22.77 -1.34 -9.76
N ILE A 48 -23.57 -1.18 -8.70
CA ILE A 48 -23.14 -0.85 -7.33
C ILE A 48 -23.56 -1.96 -6.37
N LYS A 49 -22.64 -2.48 -5.54
CA LYS A 49 -23.01 -3.42 -4.47
C LYS A 49 -22.65 -2.87 -3.07
N GLU A 50 -23.50 -3.22 -2.10
CA GLU A 50 -23.46 -2.78 -0.71
C GLU A 50 -23.11 -3.99 0.16
N SER A 51 -22.24 -3.82 1.17
CA SER A 51 -21.89 -4.91 2.03
C SER A 51 -21.66 -4.40 3.47
N PRO A 52 -21.99 -5.21 4.46
CA PRO A 52 -21.77 -4.73 5.81
C PRO A 52 -20.29 -4.73 6.21
N LEU A 53 -19.92 -3.77 7.05
CA LEU A 53 -18.64 -3.79 7.77
C LEU A 53 -18.83 -3.68 9.29
N HIS A 54 -17.90 -4.27 10.02
CA HIS A 54 -17.80 -4.17 11.49
C HIS A 54 -16.37 -3.98 11.95
N GLY A 55 -16.18 -3.10 12.93
CA GLY A 55 -14.83 -2.85 13.43
C GLY A 55 -14.73 -2.15 14.75
N THR A 56 -13.51 -1.72 15.04
CA THR A 56 -13.21 -1.01 16.26
C THR A 56 -12.18 0.09 16.03
N GLN A 57 -12.33 1.16 16.77
CA GLN A 57 -11.32 2.17 16.85
C GLN A 57 -10.71 2.10 18.24
N ASN A 58 -9.41 2.37 18.29
CA ASN A 58 -8.68 2.35 19.56
C ASN A 58 -9.18 3.46 20.46
N THR A 59 -9.42 3.18 21.75
CA THR A 59 -9.80 4.23 22.72
C THR A 59 -8.69 4.49 23.77
N ILE A 60 -7.63 3.69 23.76
CA ILE A 60 -6.50 3.83 24.73
C ILE A 60 -5.86 5.20 24.58
N ASN A 61 -5.75 5.91 25.73
CA ASN A 61 -5.19 7.27 25.78
C ASN A 61 -6.01 8.33 25.06
N LYS A 62 -7.21 7.96 24.58
CA LYS A 62 -8.14 8.84 23.89
C LYS A 62 -7.44 9.79 22.89
N ARG A 63 -6.73 9.20 21.95
CA ARG A 63 -5.95 9.96 20.99
C ARG A 63 -6.83 10.71 20.03
N THR A 64 -6.38 11.87 19.60
CA THR A 64 -7.11 12.64 18.62
C THR A 64 -7.09 11.97 17.24
N GLN A 65 -6.11 11.11 16.99
CA GLN A 65 -5.90 10.49 15.69
C GLN A 65 -5.82 8.96 15.87
N PRO A 66 -6.96 8.34 16.16
CA PRO A 66 -6.88 6.93 16.60
C PRO A 66 -6.65 5.93 15.46
N THR A 67 -5.98 4.82 15.80
CA THR A 67 -5.96 3.69 14.92
C THR A 67 -7.33 2.97 14.90
N PHE A 68 -7.53 2.15 13.89
CA PHE A 68 -8.75 1.36 13.77
C PHE A 68 -8.55 0.18 12.85
N GLY A 69 -9.49 -0.76 12.96
CA GLY A 69 -9.62 -1.85 12.01
C GLY A 69 -11.09 -2.22 11.73
N PHE A 70 -11.37 -2.78 10.56
CA PHE A 70 -12.66 -3.36 10.30
C PHE A 70 -12.56 -4.47 9.25
N THR A 71 -13.62 -5.27 9.23
CA THR A 71 -13.81 -6.40 8.35
C THR A 71 -15.07 -6.10 7.50
N VAL A 72 -14.90 -6.22 6.19
CA VAL A 72 -15.99 -6.15 5.25
C VAL A 72 -16.39 -7.59 4.87
N ASN A 73 -17.61 -7.93 5.16
CA ASN A 73 -18.09 -9.30 4.91
C ASN A 73 -18.91 -9.25 3.60
N TRP A 74 -18.19 -9.44 2.49
CA TRP A 74 -18.70 -9.17 1.13
C TRP A 74 -19.95 -10.03 0.87
N LYS A 75 -21.01 -9.41 0.37
CA LYS A 75 -22.32 -10.08 0.24
C LYS A 75 -22.47 -10.77 -1.12
N PHE A 76 -21.59 -10.44 -2.05
CA PHE A 76 -21.60 -10.98 -3.40
C PHE A 76 -20.40 -11.86 -3.73
N SER A 77 -19.62 -12.23 -2.72
CA SER A 77 -18.40 -12.97 -2.91
C SER A 77 -18.18 -13.90 -1.71
N GLU A 78 -17.40 -14.96 -1.88
CA GLU A 78 -16.92 -15.82 -0.79
C GLU A 78 -15.70 -15.26 0.04
N SER A 79 -15.24 -14.12 -0.41
CA SER A 79 -14.04 -13.46 0.10
C SER A 79 -14.36 -12.59 1.32
N THR A 80 -13.28 -12.20 1.99
CA THR A 80 -13.30 -11.30 3.13
C THR A 80 -12.14 -10.30 3.00
N THR A 81 -12.42 -9.04 3.26
CA THR A 81 -11.38 -8.03 3.36
C THR A 81 -11.29 -7.45 4.77
N VAL A 82 -10.07 -7.23 5.22
CA VAL A 82 -9.83 -6.44 6.44
C VAL A 82 -9.01 -5.16 6.09
N PHE A 83 -9.38 -4.07 6.74
CA PHE A 83 -8.70 -2.78 6.63
C PHE A 83 -8.18 -2.41 8.01
N THR A 84 -7.01 -1.78 8.02
CA THR A 84 -6.50 -1.17 9.20
C THR A 84 -5.77 0.12 8.86
N GLY A 85 -5.87 1.08 9.75
CA GLY A 85 -5.25 2.37 9.47
C GLY A 85 -5.35 3.35 10.61
N GLN A 86 -5.27 4.63 10.24
CA GLN A 86 -5.34 5.67 11.24
C GLN A 86 -6.10 6.86 10.69
N CYS A 87 -6.85 7.50 11.55
CA CYS A 87 -7.67 8.67 11.28
C CYS A 87 -6.81 9.89 11.63
N PHE A 88 -6.27 10.56 10.60
CA PHE A 88 -5.40 11.70 10.76
C PHE A 88 -6.14 13.01 10.52
N ILE A 89 -5.72 14.06 11.23
CA ILE A 89 -5.96 15.45 10.80
C ILE A 89 -4.76 15.87 9.95
N ASP A 90 -4.97 16.16 8.68
CA ASP A 90 -3.88 16.49 7.77
C ASP A 90 -3.44 17.92 8.02
N ARG A 91 -2.36 18.32 7.36
CA ARG A 91 -1.78 19.65 7.56
C ARG A 91 -2.82 20.77 7.20
N ASN A 92 -3.76 20.48 6.33
CA ASN A 92 -4.77 21.46 5.99
C ASN A 92 -6.00 21.41 6.87
N GLY A 93 -5.95 20.58 7.88
CA GLY A 93 -7.04 20.51 8.83
C GLY A 93 -8.11 19.51 8.46
N LYS A 94 -7.98 18.87 7.31
CA LYS A 94 -9.01 17.92 6.88
C LYS A 94 -8.73 16.52 7.44
N GLU A 95 -9.78 15.78 7.78
CA GLU A 95 -9.64 14.40 8.25
C GLU A 95 -9.32 13.49 7.07
N VAL A 96 -8.37 12.59 7.23
CA VAL A 96 -8.06 11.60 6.24
C VAL A 96 -7.80 10.21 6.88
N LEU A 97 -8.42 9.19 6.32
CA LEU A 97 -8.13 7.81 6.72
C LEU A 97 -7.08 7.22 5.81
N LYS A 98 -5.91 6.92 6.38
CA LYS A 98 -4.88 6.22 5.67
C LYS A 98 -5.00 4.76 6.09
N THR A 99 -5.29 3.89 5.12
CA THR A 99 -5.51 2.43 5.36
C THR A 99 -4.67 1.52 4.49
N MET A 100 -4.44 0.33 5.02
CA MET A 100 -3.99 -0.76 4.24
C MET A 100 -4.92 -1.97 4.49
N TRP A 101 -5.00 -2.84 3.50
CA TRP A 101 -6.01 -3.95 3.49
C TRP A 101 -5.39 -5.23 3.03
N LEU A 102 -6.00 -6.34 3.47
CA LEU A 102 -5.75 -7.66 3.02
C LEU A 102 -7.09 -8.24 2.52
N LEU A 103 -7.05 -8.79 1.32
CA LEU A 103 -8.21 -9.39 0.67
C LEU A 103 -7.96 -10.89 0.60
N ARG A 104 -8.86 -11.63 1.24
CA ARG A 104 -8.69 -13.06 1.35
C ARG A 104 -9.69 -13.74 0.40
N SER A 105 -9.16 -14.51 -0.55
CA SER A 105 -9.93 -15.33 -1.46
C SER A 105 -10.17 -16.69 -0.83
N SER A 106 -11.28 -17.28 -1.21
CA SER A 106 -11.61 -18.63 -0.83
C SER A 106 -10.95 -19.61 -1.77
N VAL A 107 -10.05 -20.45 -1.28
CA VAL A 107 -9.51 -21.53 -2.10
C VAL A 107 -10.06 -22.88 -1.64
N ASN A 108 -9.96 -23.92 -2.49
CA ASN A 108 -10.61 -25.22 -2.17
C ASN A 108 -9.72 -26.16 -1.37
N ASP A 109 -8.43 -26.13 -1.66
CA ASP A 109 -7.46 -26.97 -0.98
C ASP A 109 -6.54 -26.08 -0.17
N ILE A 110 -6.15 -26.57 1.00
CA ILE A 110 -5.17 -25.94 1.86
C ILE A 110 -3.79 -25.77 1.22
N GLY A 111 -3.52 -26.58 0.19
CA GLY A 111 -2.35 -26.41 -0.64
C GLY A 111 -2.39 -25.21 -1.58
N ASP A 112 -3.55 -24.58 -1.79
CA ASP A 112 -3.67 -23.37 -2.62
C ASP A 112 -3.66 -22.07 -1.76
N ASP A 113 -3.47 -22.27 -0.45
CA ASP A 113 -3.53 -21.21 0.55
C ASP A 113 -2.57 -20.07 0.16
N TRP A 114 -1.41 -20.43 -0.38
CA TRP A 114 -0.30 -19.48 -0.64
C TRP A 114 -0.73 -18.37 -1.56
N LYS A 115 -1.69 -18.61 -2.44
CA LYS A 115 -2.06 -17.57 -3.41
C LYS A 115 -3.34 -16.87 -3.10
N ALA A 116 -3.84 -17.02 -1.87
CA ALA A 116 -5.18 -16.51 -1.52
C ALA A 116 -5.24 -15.12 -0.92
N THR A 117 -4.09 -14.48 -0.59
CA THR A 117 -4.14 -13.18 0.10
C THR A 117 -3.51 -11.99 -0.75
N ARG A 118 -4.31 -11.00 -1.08
CA ARG A 118 -3.80 -9.84 -1.74
C ARG A 118 -3.71 -8.72 -0.69
N VAL A 119 -2.83 -7.80 -0.97
CA VAL A 119 -2.66 -6.59 -0.15
C VAL A 119 -2.77 -5.33 -1.00
N GLY A 120 -3.16 -4.23 -0.35
CA GLY A 120 -3.20 -2.94 -1.01
C GLY A 120 -3.49 -1.86 -0.02
N TYR A 121 -3.87 -0.69 -0.55
CA TYR A 121 -4.06 0.47 0.28
C TYR A 121 -5.26 1.30 -0.18
N ASN A 122 -5.80 2.15 0.69
CA ASN A 122 -6.82 3.13 0.29
C ASN A 122 -6.68 4.38 1.17
N ILE A 123 -6.98 5.53 0.56
CA ILE A 123 -7.01 6.78 1.26
C ILE A 123 -8.45 7.32 1.15
N PHE A 124 -9.08 7.65 2.27
CA PHE A 124 -10.47 8.05 2.31
C PHE A 124 -10.53 9.47 2.85
N THR A 125 -11.43 10.28 2.29
CA THR A 125 -11.70 11.63 2.80
C THR A 125 -13.20 11.74 2.88
N ARG A 126 -13.67 12.68 3.69
CA ARG A 126 -15.08 12.79 3.99
C ARG A 126 -15.91 13.10 2.78
N LEU A 127 -17.10 12.50 2.76
CA LEU A 127 -18.06 12.70 1.68
C LEU A 127 -19.31 13.31 2.28
N LYS B 7 6.74 1.79 -24.98
CA LYS B 7 7.05 0.96 -23.77
C LYS B 7 7.42 1.85 -22.56
N CYS B 8 6.98 1.40 -21.38
CA CYS B 8 7.39 1.95 -20.07
C CYS B 8 8.72 1.23 -19.78
N SER B 9 9.83 1.97 -19.78
CA SER B 9 11.17 1.43 -19.46
C SER B 9 11.62 1.98 -18.10
N LEU B 10 12.32 1.16 -17.32
CA LEU B 10 12.75 1.59 -16.01
C LEU B 10 13.94 2.56 -16.04
N THR B 11 14.75 2.51 -17.09
CA THR B 11 15.97 3.31 -17.22
C THR B 11 15.61 4.75 -17.08
N GLY B 12 16.36 5.48 -16.25
CA GLY B 12 16.09 6.86 -16.04
C GLY B 12 16.04 7.29 -14.61
N LYS B 13 15.49 8.47 -14.42
CA LYS B 13 15.37 9.03 -13.11
C LYS B 13 13.91 9.18 -12.74
N TRP B 14 13.63 8.91 -11.47
CA TRP B 14 12.27 8.80 -11.02
C TRP B 14 12.17 9.48 -9.71
N THR B 15 10.95 9.90 -9.38
CA THR B 15 10.68 10.52 -8.09
C THR B 15 9.33 10.07 -7.55
N ASN B 16 9.16 10.08 -6.25
CA ASN B 16 7.85 9.87 -5.68
C ASN B 16 7.24 11.16 -5.11
N ARG B 17 7.88 12.28 -5.50
CA ARG B 17 7.50 13.70 -5.23
C ARG B 17 7.68 14.05 -3.75
N MET B 18 8.13 13.08 -2.97
CA MET B 18 8.20 13.20 -1.55
C MET B 18 9.65 13.48 -1.29
N ASN B 19 10.26 12.57 -0.57
CA ASN B 19 11.64 12.71 -0.20
C ASN B 19 12.54 11.70 -0.95
N HIS B 20 12.03 11.05 -2.02
CA HIS B 20 12.77 9.97 -2.70
C HIS B 20 12.97 10.16 -4.19
N ASN B 21 14.21 10.00 -4.66
CA ASN B 21 14.52 9.85 -6.07
C ASN B 21 15.22 8.52 -6.31
N MET B 22 15.14 8.04 -7.54
CA MET B 22 15.80 6.82 -7.91
C MET B 22 16.42 7.05 -9.24
N THR B 23 17.60 6.52 -9.42
CA THR B 23 18.20 6.45 -10.72
C THR B 23 18.42 5.00 -11.07
N ILE B 24 18.01 4.62 -12.28
CA ILE B 24 18.22 3.25 -12.77
C ILE B 24 18.95 3.33 -14.12
N GLY B 25 19.92 2.46 -14.26
CA GLY B 25 20.72 2.36 -15.43
C GLY B 25 20.13 1.47 -16.51
N ALA B 26 20.98 1.07 -17.43
CA ALA B 26 20.52 0.39 -18.66
C ALA B 26 19.95 -0.96 -18.23
N VAL B 27 18.87 -1.37 -18.87
CA VAL B 27 18.32 -2.68 -18.63
C VAL B 27 18.92 -3.60 -19.70
N ASN B 28 19.56 -4.69 -19.28
CA ASN B 28 20.09 -5.62 -20.26
C ASN B 28 19.00 -6.57 -20.82
N SER B 29 19.43 -7.48 -21.68
CA SER B 29 18.53 -8.29 -22.50
C SER B 29 17.78 -9.32 -21.65
N ARG B 30 18.33 -9.72 -20.51
CA ARG B 30 17.63 -10.58 -19.52
C ARG B 30 16.72 -9.81 -18.57
N GLY B 31 16.69 -8.49 -18.70
CA GLY B 31 15.86 -7.62 -17.85
C GLY B 31 16.54 -7.11 -16.56
N GLU B 32 17.82 -7.38 -16.42
CA GLU B 32 18.53 -7.05 -15.18
C GLU B 32 18.96 -5.56 -15.23
N PHE B 33 18.85 -4.90 -14.08
CA PHE B 33 19.35 -3.53 -13.89
C PHE B 33 19.89 -3.28 -12.47
N THR B 34 20.65 -2.20 -12.39
CA THR B 34 21.20 -1.67 -11.15
CA THR B 34 21.07 -1.68 -11.10
C THR B 34 20.86 -0.19 -11.12
N GLY B 35 20.95 0.40 -9.92
CA GLY B 35 20.63 1.78 -9.76
C GLY B 35 21.01 2.30 -8.39
N THR B 36 20.52 3.47 -8.09
CA THR B 36 20.73 4.10 -6.77
CA THR B 36 20.73 4.06 -6.77
C THR B 36 19.43 4.68 -6.28
N TYR B 37 19.22 4.63 -4.97
CA TYR B 37 18.00 5.10 -4.36
C TYR B 37 18.40 6.20 -3.38
N ILE B 38 17.83 7.36 -3.58
CA ILE B 38 18.20 8.56 -2.86
C ILE B 38 17.07 9.00 -1.99
N ALA B 39 17.36 9.11 -0.69
CA ALA B 39 16.30 9.38 0.27
C ALA B 39 16.78 10.44 1.27
N THR B 40 15.96 11.45 1.53
CA THR B 40 16.26 12.42 2.59
C THR B 40 15.89 11.72 3.91
N VAL B 41 16.83 11.63 4.85
CA VAL B 41 16.58 10.91 6.10
C VAL B 41 15.91 11.83 7.12
N GLU B 47 19.29 16.28 4.89
CA GLU B 47 20.38 15.32 4.81
C GLU B 47 19.97 14.17 3.88
N ILE B 48 20.79 13.89 2.87
CA ILE B 48 20.47 12.93 1.80
C ILE B 48 21.47 11.77 1.81
N LYS B 49 20.97 10.54 1.66
CA LYS B 49 21.79 9.33 1.62
C LYS B 49 21.43 8.51 0.37
N GLU B 50 22.46 7.97 -0.29
CA GLU B 50 22.34 7.21 -1.52
C GLU B 50 22.70 5.75 -1.25
N SER B 51 21.87 4.84 -1.75
CA SER B 51 22.09 3.39 -1.51
C SER B 51 21.88 2.64 -2.85
N PRO B 52 22.57 1.53 -3.03
CA PRO B 52 22.47 0.82 -4.28
C PRO B 52 21.20 -0.06 -4.34
N LEU B 53 20.72 -0.27 -5.56
CA LEU B 53 19.55 -1.14 -5.81
C LEU B 53 19.87 -2.06 -6.97
N HIS B 54 19.29 -3.25 -6.95
CA HIS B 54 19.55 -4.28 -7.96
C HIS B 54 18.22 -4.95 -8.21
N GLY B 55 17.89 -5.16 -9.47
CA GLY B 55 16.54 -5.59 -9.79
C GLY B 55 16.44 -6.22 -11.17
N THR B 56 15.20 -6.60 -11.51
CA THR B 56 14.91 -7.18 -12.82
C THR B 56 13.57 -6.70 -13.24
N GLN B 57 13.41 -6.41 -14.54
CA GLN B 57 12.10 -6.28 -15.15
C GLN B 57 11.75 -7.53 -16.00
N ASN B 58 10.49 -7.85 -16.01
CA ASN B 58 10.05 -9.05 -16.66
C ASN B 58 10.09 -8.84 -18.16
N THR B 59 10.74 -9.75 -18.88
CA THR B 59 10.81 -9.64 -20.34
C THR B 59 9.87 -10.62 -21.06
N ILE B 60 9.22 -11.52 -20.31
CA ILE B 60 8.27 -12.46 -20.94
C ILE B 60 7.18 -11.73 -21.74
N ASN B 61 7.09 -12.07 -23.03
CA ASN B 61 6.09 -11.50 -23.99
C ASN B 61 6.31 -10.04 -24.34
N LYS B 62 7.49 -9.51 -23.98
CA LYS B 62 7.84 -8.11 -24.29
C LYS B 62 6.71 -7.13 -24.08
N ARG B 63 6.14 -7.11 -22.88
CA ARG B 63 4.97 -6.31 -22.64
C ARG B 63 5.38 -4.85 -22.67
N THR B 64 4.46 -4.00 -23.09
CA THR B 64 4.71 -2.57 -23.03
C THR B 64 4.67 -2.02 -21.61
N GLN B 65 4.04 -2.78 -20.69
CA GLN B 65 3.90 -2.36 -19.30
C GLN B 65 4.38 -3.51 -18.37
N PRO B 66 5.71 -3.69 -18.21
CA PRO B 66 6.18 -4.90 -17.57
C PRO B 66 6.15 -4.80 -16.07
N THR B 67 6.11 -5.94 -15.42
CA THR B 67 6.30 -5.95 -13.97
C THR B 67 7.80 -5.91 -13.70
N PHE B 68 8.16 -5.66 -12.45
CA PHE B 68 9.54 -5.52 -12.04
C PHE B 68 9.63 -5.64 -10.54
N GLY B 69 10.84 -5.93 -10.10
CA GLY B 69 11.18 -5.92 -8.69
C GLY B 69 12.59 -5.47 -8.45
N PHE B 70 12.84 -4.91 -7.29
CA PHE B 70 14.22 -4.65 -6.93
C PHE B 70 14.43 -4.63 -5.41
N THR B 71 15.68 -4.80 -5.02
CA THR B 71 16.10 -4.75 -3.63
C THR B 71 16.97 -3.52 -3.40
N VAL B 72 16.68 -2.79 -2.32
CA VAL B 72 17.53 -1.66 -1.90
C VAL B 72 18.35 -2.09 -0.68
N ASN B 73 19.66 -2.09 -0.84
CA ASN B 73 20.58 -2.47 0.21
C ASN B 73 21.09 -1.20 0.92
N TRP B 74 20.32 -0.73 1.88
CA TRP B 74 20.55 0.55 2.53
C TRP B 74 22.00 0.62 3.08
N LYS B 75 22.64 1.74 2.80
CA LYS B 75 24.05 1.96 3.17
C LYS B 75 24.19 2.48 4.61
N PHE B 76 23.09 2.90 5.21
CA PHE B 76 23.14 3.56 6.51
C PHE B 76 22.32 2.80 7.54
N SER B 77 21.91 1.58 7.19
CA SER B 77 21.06 0.80 8.04
C SER B 77 21.34 -0.70 7.86
N GLU B 78 21.05 -1.48 8.88
CA GLU B 78 21.06 -2.95 8.79
C GLU B 78 19.85 -3.58 8.01
N SER B 79 18.88 -2.73 7.69
CA SER B 79 17.63 -3.09 7.01
C SER B 79 17.82 -3.36 5.53
N THR B 80 16.83 -4.06 4.94
CA THR B 80 16.72 -4.25 3.49
C THR B 80 15.27 -3.96 3.06
N THR B 81 15.09 -3.33 1.89
CA THR B 81 13.77 -3.16 1.39
C THR B 81 13.66 -3.78 0.00
N VAL B 82 12.53 -4.44 -0.25
CA VAL B 82 12.17 -4.89 -1.59
C VAL B 82 10.97 -4.20 -2.12
N PHE B 83 10.96 -3.90 -3.44
CA PHE B 83 9.88 -3.23 -4.12
C PHE B 83 9.45 -4.09 -5.28
N THR B 84 8.17 -4.19 -5.54
CA THR B 84 7.71 -4.87 -6.76
C THR B 84 6.57 -4.08 -7.31
N GLY B 85 6.45 -4.04 -8.63
CA GLY B 85 5.34 -3.31 -9.18
C GLY B 85 5.22 -3.42 -10.68
N GLN B 86 4.55 -2.45 -11.29
CA GLN B 86 4.35 -2.49 -12.71
C GLN B 86 4.49 -1.06 -13.26
N CYS B 87 5.15 -1.01 -14.40
CA CYS B 87 5.44 0.21 -15.17
C CYS B 87 4.25 0.45 -16.11
N PHE B 88 3.41 1.43 -15.83
CA PHE B 88 2.22 1.65 -16.65
C PHE B 88 2.37 2.91 -17.52
N ILE B 89 1.62 2.94 -18.61
CA ILE B 89 1.32 4.19 -19.31
C ILE B 89 -0.11 4.58 -18.96
N ASP B 90 -0.29 5.75 -18.35
CA ASP B 90 -1.60 6.23 -17.94
C ASP B 90 -2.31 6.92 -19.12
N ARG B 91 -3.54 7.40 -18.86
CA ARG B 91 -4.37 8.01 -19.91
C ARG B 91 -3.57 8.96 -20.80
N ASN B 92 -2.82 9.87 -20.17
CA ASN B 92 -2.07 10.93 -20.87
C ASN B 92 -0.83 10.48 -21.65
N GLY B 93 -0.40 9.23 -21.47
CA GLY B 93 0.85 8.74 -22.08
C GLY B 93 2.08 8.95 -21.20
N LYS B 94 1.84 9.39 -19.97
CA LYS B 94 2.89 9.53 -18.96
C LYS B 94 3.19 8.15 -18.32
N GLU B 95 4.47 7.88 -18.01
CA GLU B 95 4.88 6.65 -17.33
C GLU B 95 4.67 6.77 -15.83
N VAL B 96 4.22 5.68 -15.20
CA VAL B 96 4.06 5.65 -13.75
C VAL B 96 4.40 4.24 -13.23
N LEU B 97 5.14 4.19 -12.14
CA LEU B 97 5.50 2.93 -11.51
C LEU B 97 4.60 2.82 -10.29
N LYS B 98 3.70 1.88 -10.30
CA LYS B 98 2.90 1.60 -9.12
C LYS B 98 3.62 0.46 -8.41
N THR B 99 4.03 0.70 -7.16
CA THR B 99 4.80 -0.29 -6.39
C THR B 99 4.25 -0.50 -4.99
N MET B 100 4.52 -1.67 -4.47
CA MET B 100 4.39 -1.94 -3.07
C MET B 100 5.73 -2.47 -2.55
N TRP B 101 5.97 -2.27 -1.25
CA TRP B 101 7.23 -2.74 -0.70
C TRP B 101 7.15 -3.46 0.64
N LEU B 102 8.19 -4.21 0.95
CA LEU B 102 8.43 -4.81 2.26
C LEU B 102 9.75 -4.28 2.80
N LEU B 103 9.69 -3.68 3.98
CA LEU B 103 10.87 -3.20 4.72
C LEU B 103 11.17 -4.16 5.88
N ARG B 104 12.30 -4.85 5.76
CA ARG B 104 12.77 -5.78 6.74
C ARG B 104 13.79 -5.15 7.70
N SER B 105 13.41 -5.09 8.96
CA SER B 105 14.28 -4.70 10.03
C SER B 105 15.15 -5.87 10.47
N SER B 106 16.30 -5.54 11.00
CA SER B 106 17.22 -6.53 11.52
C SER B 106 16.90 -6.72 13.00
N VAL B 107 16.42 -7.88 13.39
CA VAL B 107 16.16 -8.11 14.82
C VAL B 107 17.29 -8.97 15.41
N ASN B 108 17.42 -8.97 16.74
CA ASN B 108 18.59 -9.61 17.33
C ASN B 108 18.36 -11.09 17.55
N ASP B 109 17.12 -11.51 17.68
CA ASP B 109 16.77 -12.87 17.99
C ASP B 109 15.59 -13.32 17.14
N ILE B 110 15.62 -14.59 16.73
CA ILE B 110 14.57 -15.19 15.93
C ILE B 110 13.18 -15.13 16.59
N GLY B 111 13.13 -15.00 17.91
CA GLY B 111 11.85 -14.71 18.59
C GLY B 111 11.25 -13.31 18.38
N ASP B 112 12.02 -12.35 17.86
CA ASP B 112 11.45 -11.04 17.47
C ASP B 112 11.09 -10.96 15.99
N ASP B 113 11.20 -12.08 15.32
CA ASP B 113 11.00 -12.13 13.87
C ASP B 113 9.62 -11.57 13.48
N TRP B 114 8.61 -11.88 14.30
CA TRP B 114 7.21 -11.50 14.05
C TRP B 114 7.05 -10.00 13.84
N LYS B 115 7.89 -9.20 14.45
CA LYS B 115 7.69 -7.77 14.35
C LYS B 115 8.64 -7.06 13.37
N ALA B 116 9.30 -7.81 12.52
CA ALA B 116 10.40 -7.22 11.72
C ALA B 116 10.03 -6.75 10.29
N THR B 117 8.77 -6.95 9.89
CA THR B 117 8.41 -6.68 8.50
C THR B 117 7.29 -5.64 8.36
N ARG B 118 7.64 -4.52 7.74
CA ARG B 118 6.71 -3.47 7.44
C ARG B 118 6.33 -3.51 5.95
N VAL B 119 5.12 -3.09 5.66
CA VAL B 119 4.62 -3.05 4.29
C VAL B 119 4.13 -1.65 3.95
N GLY B 120 4.24 -1.30 2.67
CA GLY B 120 3.78 -0.02 2.20
C GLY B 120 3.75 0.08 0.70
N TYR B 121 3.62 1.31 0.21
CA TYR B 121 3.49 1.52 -1.22
C TYR B 121 4.15 2.84 -1.65
N ASN B 122 4.40 2.95 -2.95
CA ASN B 122 4.99 4.17 -3.51
C ASN B 122 4.61 4.25 -4.97
N ILE B 123 4.41 5.47 -5.43
CA ILE B 123 4.07 5.72 -6.83
C ILE B 123 5.17 6.63 -7.35
N PHE B 124 5.85 6.22 -8.41
CA PHE B 124 6.94 7.00 -8.95
C PHE B 124 6.59 7.58 -10.33
N THR B 125 7.04 8.82 -10.60
CA THR B 125 6.93 9.39 -11.94
C THR B 125 8.31 9.90 -12.39
N ARG B 126 8.48 10.21 -13.68
CA ARG B 126 9.79 10.63 -14.21
C ARG B 126 10.19 11.89 -13.55
N LEU B 127 11.49 11.99 -13.25
CA LEU B 127 12.25 13.20 -12.85
C LEU B 127 12.27 13.48 -11.36
CL CL C . -7.49 5.52 -2.47
CL CL D . -16.12 -15.67 -4.93
CL CL E . -12.95 17.04 6.97
CL CL F . -6.75 -16.93 -5.75
CL CL G . -14.12 -8.17 -3.77
CL CL H . -3.96 -0.85 -3.64
CL CL I . 4.45 7.86 -3.34
CL CL J . 19.70 -0.35 11.72
CL CL K . 11.00 -3.41 14.89
CL CL L . 14.83 9.96 -17.40
CL CL M . 15.46 2.26 6.06
CL CL N . 23.88 1.88 11.52
#